data_2P8I
#
_entry.id   2P8I
#
_cell.length_a   43.835
_cell.length_b   138.772
_cell.length_c   44.046
_cell.angle_alpha   90.00
_cell.angle_beta   98.43
_cell.angle_gamma   90.00
#
_symmetry.space_group_name_H-M   'P 1 21 1'
#
loop_
_entity.id
_entity.type
_entity.pdbx_description
1 polymer 'Putative dioxygenase'
2 non-polymer 'CHLORIDE ION'
3 non-polymer 'PHOSPHATE ION'
4 non-polymer 1,2-ETHANEDIOL
5 non-polymer 'CITRIC ACID'
6 water water
#
_entity_poly.entity_id   1
_entity_poly.type   'polypeptide(L)'
_entity_poly.pdbx_seq_one_letter_code
;G(MSE)TFRDTSAIASWHAHVYFDASSRDAAWTLREQIEAHWSGKLQLGRFHERPVGPHP(MSE)WSYQLAFTQEQFADL
VGWLTLNHGALDIFLHPNTGDALRDHRDAAVWIGHSHELVLSALN
;
_entity_poly.pdbx_strand_id   A,B,C,D
#
loop_
_chem_comp.id
_chem_comp.type
_chem_comp.name
_chem_comp.formula
CIT non-polymer 'CITRIC ACID' 'C6 H8 O7'
CL non-polymer 'CHLORIDE ION' 'Cl -1'
EDO non-polymer 1,2-ETHANEDIOL 'C2 H6 O2'
PO4 non-polymer 'PHOSPHATE ION' 'O4 P -3'
#
# COMPACT_ATOMS: atom_id res chain seq x y z
N GLY A 1 -1.88 14.43 -24.21
CA GLY A 1 -2.81 14.89 -23.12
C GLY A 1 -2.64 14.07 -21.86
N MSE A 2 -1.40 13.81 -21.48
CA MSE A 2 -1.10 13.13 -20.22
C MSE A 2 -1.62 13.92 -19.03
O MSE A 2 -1.49 15.15 -18.96
CB MSE A 2 0.39 12.96 -20.07
CG MSE A 2 0.86 12.93 -18.59
SE MSE A 2 2.76 12.64 -18.39
CE MSE A 2 2.81 11.41 -19.17
N THR A 3 -2.17 13.20 -18.06
CA THR A 3 -2.42 13.77 -16.78
C THR A 3 -1.21 13.43 -15.94
N PHE A 4 -0.50 14.45 -15.50
CA PHE A 4 0.61 14.28 -14.58
C PHE A 4 0.13 13.72 -13.24
N ARG A 5 0.84 12.75 -12.69
CA ARG A 5 0.55 12.13 -11.40
C ARG A 5 1.59 12.45 -10.39
N ASP A 6 1.14 12.47 -9.14
CA ASP A 6 1.95 12.69 -7.97
C ASP A 6 2.45 11.33 -7.47
N THR A 7 3.58 11.33 -6.74
CA THR A 7 4.11 10.06 -6.22
C THR A 7 3.21 9.41 -5.16
N SER A 8 2.25 10.18 -4.64
CA SER A 8 1.25 9.60 -3.74
C SER A 8 0.51 8.47 -4.41
N ALA A 9 0.49 8.44 -5.74
CA ALA A 9 -0.14 7.33 -6.52
C ALA A 9 0.55 5.99 -6.33
N ILE A 10 1.79 6.01 -5.82
CA ILE A 10 2.59 4.80 -5.70
C ILE A 10 2.40 4.13 -4.32
N ALA A 11 1.78 2.97 -4.31
CA ALA A 11 1.59 2.22 -3.07
C ALA A 11 2.91 1.64 -2.60
N SER A 12 3.69 1.12 -3.54
CA SER A 12 4.89 0.39 -3.24
C SER A 12 5.72 0.26 -4.51
N TRP A 13 6.97 -0.16 -4.33
CA TRP A 13 7.85 -0.47 -5.45
C TRP A 13 8.19 -1.94 -5.42
N HIS A 14 8.42 -2.50 -6.59
CA HIS A 14 8.83 -3.90 -6.73
C HIS A 14 10.06 -3.93 -7.61
N ALA A 15 11.07 -4.65 -7.19
CA ALA A 15 12.27 -4.87 -8.01
C ALA A 15 12.40 -6.36 -8.29
N HIS A 16 12.95 -6.70 -9.43
CA HIS A 16 13.19 -8.07 -9.82
C HIS A 16 14.63 -8.15 -10.36
N VAL A 17 15.48 -8.85 -9.63
CA VAL A 17 16.87 -9.09 -10.04
C VAL A 17 16.84 -10.22 -11.06
N TYR A 18 17.32 -9.92 -12.26
CA TYR A 18 17.42 -10.90 -13.33
C TYR A 18 18.78 -11.59 -13.38
N PHE A 19 18.76 -12.89 -13.70
CA PHE A 19 19.98 -13.66 -13.74
C PHE A 19 19.77 -14.89 -14.59
N ASP A 20 20.85 -15.61 -14.79
CA ASP A 20 20.77 -16.85 -15.54
C ASP A 20 21.77 -17.80 -14.98
N ALA A 21 21.94 -18.92 -15.69
CA ALA A 21 22.89 -19.92 -15.27
C ALA A 21 24.29 -19.32 -15.06
N SER A 22 24.68 -18.45 -15.97
CA SER A 22 25.99 -17.82 -15.93
CA SER A 22 25.99 -17.83 -15.93
C SER A 22 26.20 -16.90 -14.71
N SER A 23 25.12 -16.37 -14.15
CA SER A 23 25.24 -15.35 -13.10
C SER A 23 24.57 -15.73 -11.78
N ARG A 24 24.30 -17.02 -11.55
CA ARG A 24 23.70 -17.45 -10.25
C ARG A 24 24.42 -17.03 -9.00
N ASP A 25 25.74 -17.21 -8.92
CA ASP A 25 26.45 -16.90 -7.71
C ASP A 25 26.32 -15.44 -7.39
N ALA A 26 26.49 -14.56 -8.39
CA ALA A 26 26.40 -13.14 -8.15
C ALA A 26 25.00 -12.75 -7.66
N ALA A 27 23.99 -13.33 -8.30
CA ALA A 27 22.61 -13.04 -7.94
C ALA A 27 22.34 -13.48 -6.49
N TRP A 28 22.87 -14.64 -6.13
CA TRP A 28 22.73 -15.16 -4.77
C TRP A 28 23.45 -14.32 -3.74
N THR A 29 24.70 -13.96 -4.05
CA THR A 29 25.44 -13.08 -3.15
C THR A 29 24.73 -11.78 -2.90
N LEU A 30 24.20 -11.19 -3.98
CA LEU A 30 23.42 -9.96 -3.83
C LEU A 30 22.19 -10.15 -2.92
N ARG A 31 21.47 -11.24 -3.13
CA ARG A 31 20.26 -11.53 -2.34
C ARG A 31 20.58 -11.67 -0.87
N GLU A 32 21.63 -12.42 -0.59
CA GLU A 32 22.07 -12.59 0.80
C GLU A 32 22.48 -11.27 1.43
N GLN A 33 23.13 -10.41 0.65
CA GLN A 33 23.51 -9.09 1.18
CA GLN A 33 23.50 -9.08 1.15
C GLN A 33 22.29 -8.20 1.41
N ILE A 34 21.30 -8.31 0.54
CA ILE A 34 20.06 -7.59 0.76
C ILE A 34 19.41 -8.02 2.07
N GLU A 35 19.33 -9.33 2.25
CA GLU A 35 18.75 -9.86 3.48
C GLU A 35 19.47 -9.37 4.74
N ALA A 36 20.79 -9.34 4.68
CA ALA A 36 21.59 -8.98 5.84
C ALA A 36 21.53 -7.46 6.02
N HIS A 37 21.67 -6.70 4.96
CA HIS A 37 21.82 -5.26 5.14
C HIS A 37 20.56 -4.62 5.69
N TRP A 38 19.40 -5.14 5.27
CA TRP A 38 18.10 -4.67 5.81
C TRP A 38 17.52 -5.61 6.87
N SER A 39 18.30 -6.59 7.31
CA SER A 39 17.95 -7.47 8.43
C SER A 39 16.59 -8.12 8.25
N GLY A 40 16.28 -8.52 7.03
CA GLY A 40 15.02 -9.22 6.77
C GLY A 40 13.79 -8.35 6.80
N LYS A 41 13.96 -7.02 6.80
CA LYS A 41 12.79 -6.13 6.89
C LYS A 41 12.16 -5.84 5.53
N LEU A 42 12.83 -6.16 4.43
CA LEU A 42 12.25 -5.96 3.10
C LEU A 42 11.52 -7.22 2.72
N GLN A 43 10.64 -7.13 1.74
CA GLN A 43 9.91 -8.30 1.31
C GLN A 43 10.62 -9.00 0.19
N LEU A 44 11.08 -10.23 0.43
CA LEU A 44 11.86 -10.99 -0.53
CA LEU A 44 11.84 -11.02 -0.54
C LEU A 44 11.03 -12.19 -1.01
N GLY A 45 10.87 -12.35 -2.32
CA GLY A 45 10.19 -13.48 -2.92
C GLY A 45 11.16 -14.66 -3.16
N ARG A 46 10.61 -15.71 -3.78
CA ARG A 46 11.36 -16.94 -4.05
C ARG A 46 12.52 -16.70 -5.02
N PHE A 47 13.61 -17.44 -4.86
CA PHE A 47 14.75 -17.42 -5.81
C PHE A 47 14.36 -18.32 -7.00
N HIS A 48 13.83 -17.74 -8.09
CA HIS A 48 13.31 -18.52 -9.21
C HIS A 48 14.39 -18.77 -10.26
N GLU A 49 14.79 -20.02 -10.42
CA GLU A 49 15.69 -20.41 -11.49
C GLU A 49 14.94 -20.85 -12.74
N ARG A 50 13.90 -20.10 -13.08
CA ARG A 50 13.21 -20.23 -14.37
C ARG A 50 12.50 -18.89 -14.61
N PRO A 51 12.10 -18.64 -15.88
CA PRO A 51 11.26 -17.48 -16.13
C PRO A 51 9.89 -17.63 -15.51
N VAL A 52 9.46 -16.65 -14.74
CA VAL A 52 8.15 -16.67 -14.14
C VAL A 52 7.39 -15.36 -14.44
N GLY A 53 6.08 -15.43 -14.52
CA GLY A 53 5.33 -14.22 -14.70
C GLY A 53 5.77 -13.52 -15.98
N PRO A 54 5.89 -12.19 -15.93
CA PRO A 54 6.31 -11.40 -17.09
C PRO A 54 7.84 -11.38 -17.31
N HIS A 55 8.62 -12.13 -16.52
CA HIS A 55 10.05 -11.98 -16.54
C HIS A 55 10.69 -12.97 -17.50
N PRO A 56 11.47 -12.50 -18.48
CA PRO A 56 12.09 -13.38 -19.43
C PRO A 56 13.32 -14.14 -18.94
N MSE A 57 13.89 -13.65 -17.85
CA MSE A 57 15.07 -14.21 -17.20
CA MSE A 57 15.02 -14.32 -17.24
C MSE A 57 14.68 -14.86 -15.89
O MSE A 57 13.60 -14.60 -15.36
CB MSE A 57 16.08 -13.09 -16.89
CB MSE A 57 16.19 -13.36 -17.13
CG MSE A 57 16.55 -12.21 -18.07
CG MSE A 57 16.64 -12.90 -18.49
SE MSE A 57 17.89 -13.09 -19.16
SE MSE A 57 18.08 -11.70 -18.32
CE MSE A 57 19.34 -13.09 -17.94
CE MSE A 57 19.32 -12.77 -17.30
N TRP A 58 15.59 -15.66 -15.35
CA TRP A 58 15.45 -16.13 -13.99
C TRP A 58 15.45 -14.88 -13.08
N SER A 59 14.77 -14.94 -11.95
CA SER A 59 14.62 -13.72 -11.18
C SER A 59 14.28 -13.97 -9.74
N TYR A 60 14.41 -12.90 -8.95
CA TYR A 60 13.84 -12.88 -7.62
C TYR A 60 13.37 -11.47 -7.33
N GLN A 61 12.32 -11.38 -6.54
CA GLN A 61 11.64 -10.13 -6.27
C GLN A 61 11.98 -9.54 -4.92
N LEU A 62 11.94 -8.22 -4.87
CA LEU A 62 12.14 -7.40 -3.68
CA LEU A 62 12.12 -7.44 -3.67
C LEU A 62 10.98 -6.43 -3.70
N ALA A 63 10.32 -6.17 -2.57
CA ALA A 63 9.28 -5.13 -2.50
C ALA A 63 9.56 -4.23 -1.33
N PHE A 64 9.25 -2.95 -1.51
CA PHE A 64 9.67 -1.93 -0.60
C PHE A 64 8.85 -0.67 -0.80
N THR A 65 8.99 0.29 0.14
CA THR A 65 8.19 1.49 0.09
C THR A 65 8.83 2.64 -0.64
N GLN A 66 8.05 3.66 -0.93
CA GLN A 66 8.58 4.91 -1.53
C GLN A 66 9.60 5.51 -0.56
N GLU A 67 9.42 5.33 0.75
CA GLU A 67 10.31 5.90 1.75
C GLU A 67 11.63 5.15 1.84
N GLN A 68 11.68 3.93 1.29
CA GLN A 68 12.89 3.12 1.21
C GLN A 68 13.55 3.22 -0.16
N PHE A 69 12.85 3.80 -1.14
CA PHE A 69 13.29 3.83 -2.53
C PHE A 69 14.69 4.42 -2.72
N ALA A 70 14.96 5.60 -2.16
CA ALA A 70 16.24 6.24 -2.48
C ALA A 70 17.41 5.40 -1.98
N ASP A 71 17.32 4.93 -0.74
CA ASP A 71 18.40 4.14 -0.19
C ASP A 71 18.58 2.81 -0.89
N LEU A 72 17.49 2.09 -1.08
CA LEU A 72 17.61 0.79 -1.70
C LEU A 72 18.04 0.92 -3.14
N VAL A 73 17.42 1.83 -3.87
CA VAL A 73 17.77 1.95 -5.28
C VAL A 73 19.20 2.48 -5.45
N GLY A 74 19.59 3.43 -4.60
CA GLY A 74 21.00 3.83 -4.61
C GLY A 74 21.97 2.68 -4.39
N TRP A 75 21.66 1.86 -3.39
CA TRP A 75 22.48 0.77 -3.03
C TRP A 75 22.54 -0.29 -4.12
N LEU A 76 21.38 -0.59 -4.69
CA LEU A 76 21.33 -1.54 -5.79
C LEU A 76 22.13 -1.00 -7.00
N THR A 77 22.03 0.28 -7.30
CA THR A 77 22.79 0.87 -8.38
C THR A 77 24.29 0.71 -8.21
N LEU A 78 24.75 0.88 -6.98
CA LEU A 78 26.17 0.74 -6.70
C LEU A 78 26.64 -0.71 -6.64
N ASN A 79 25.73 -1.62 -6.27
CA ASN A 79 26.12 -2.99 -5.94
C ASN A 79 25.58 -4.12 -6.81
N HIS A 80 24.88 -3.79 -7.89
CA HIS A 80 24.27 -4.83 -8.69
C HIS A 80 25.26 -5.58 -9.56
N GLY A 81 26.47 -5.06 -9.76
CA GLY A 81 27.43 -5.68 -10.64
C GLY A 81 26.89 -5.71 -12.04
N ALA A 82 26.94 -6.87 -12.68
CA ALA A 82 26.40 -7.04 -14.04
C ALA A 82 24.99 -7.57 -14.11
N LEU A 83 24.26 -7.57 -13.00
CA LEU A 83 22.90 -8.07 -12.99
C LEU A 83 21.93 -6.98 -13.34
N ASP A 84 21.10 -7.20 -14.37
CA ASP A 84 20.06 -6.26 -14.68
C ASP A 84 18.93 -6.39 -13.67
N ILE A 85 18.32 -5.28 -13.32
CA ILE A 85 17.27 -5.22 -12.34
C ILE A 85 16.11 -4.43 -12.88
N PHE A 86 14.94 -5.06 -12.90
CA PHE A 86 13.68 -4.43 -13.30
C PHE A 86 12.98 -3.84 -12.11
N LEU A 87 12.60 -2.58 -12.16
CA LEU A 87 11.83 -1.95 -11.09
C LEU A 87 10.62 -1.30 -11.61
N HIS A 88 9.54 -1.31 -10.83
CA HIS A 88 8.37 -0.62 -11.22
C HIS A 88 7.54 -0.26 -10.01
N PRO A 89 6.83 0.85 -10.08
CA PRO A 89 5.91 1.17 -9.01
C PRO A 89 4.63 0.37 -9.15
N ASN A 90 3.92 0.22 -8.02
CA ASN A 90 2.63 -0.42 -7.95
C ASN A 90 1.61 0.66 -7.65
N THR A 91 0.81 1.01 -8.66
CA THR A 91 -0.27 1.99 -8.58
C THR A 91 -1.66 1.33 -8.60
N GLY A 92 -1.71 0.01 -8.59
CA GLY A 92 -2.98 -0.70 -8.76
C GLY A 92 -3.34 -1.16 -10.15
N ASP A 93 -2.48 -0.85 -11.10
CA ASP A 93 -2.70 -1.13 -12.51
C ASP A 93 -1.49 -1.87 -13.02
N ALA A 94 -1.50 -3.17 -12.86
CA ALA A 94 -0.31 -3.94 -13.16
C ALA A 94 0.13 -3.77 -14.62
N LEU A 95 -0.79 -3.74 -15.58
CA LEU A 95 -0.41 -3.54 -16.97
C LEU A 95 0.30 -2.23 -17.17
N ARG A 96 -0.34 -1.15 -16.76
CA ARG A 96 0.21 0.16 -16.99
C ARG A 96 1.56 0.32 -16.28
N ASP A 97 1.64 -0.15 -15.06
CA ASP A 97 2.87 -0.05 -14.29
C ASP A 97 4.03 -0.78 -14.97
N HIS A 98 3.79 -1.99 -15.47
CA HIS A 98 4.83 -2.75 -16.11
C HIS A 98 5.19 -2.27 -17.49
N ARG A 99 4.17 -1.92 -18.25
CA ARG A 99 4.31 -1.47 -19.65
C ARG A 99 4.95 -0.10 -19.72
N ASP A 100 4.50 0.81 -18.88
CA ASP A 100 4.81 2.24 -19.03
C ASP A 100 5.66 2.87 -17.95
N ALA A 101 5.84 2.16 -16.84
CA ALA A 101 6.59 2.72 -15.70
C ALA A 101 7.75 1.81 -15.28
N ALA A 102 8.32 1.11 -16.24
CA ALA A 102 9.47 0.29 -16.07
C ALA A 102 10.74 1.12 -15.94
N VAL A 103 11.53 0.73 -14.94
CA VAL A 103 12.86 1.28 -14.71
C VAL A 103 13.84 0.12 -14.67
N TRP A 104 15.06 0.34 -15.18
CA TRP A 104 16.02 -0.75 -15.34
C TRP A 104 17.37 -0.29 -14.82
N ILE A 105 17.90 -1.01 -13.85
CA ILE A 105 19.29 -0.82 -13.44
C ILE A 105 20.10 -1.72 -14.37
N GLY A 106 20.97 -1.13 -15.19
CA GLY A 106 21.71 -1.91 -16.14
C GLY A 106 21.17 -1.77 -17.56
N HIS A 107 20.46 -2.79 -18.02
CA HIS A 107 19.87 -2.82 -19.35
C HIS A 107 18.41 -3.20 -19.27
N SER A 108 17.63 -2.67 -20.20
CA SER A 108 16.20 -3.02 -20.28
C SER A 108 16.00 -4.34 -21.02
N HIS A 109 14.90 -5.01 -20.63
CA HIS A 109 14.43 -6.20 -21.28
C HIS A 109 12.97 -6.06 -21.69
N GLU A 110 12.61 -6.75 -22.76
CA GLU A 110 11.20 -6.89 -23.18
C GLU A 110 10.54 -7.88 -22.24
N LEU A 111 9.47 -7.43 -21.59
CA LEU A 111 8.74 -8.28 -20.67
C LEU A 111 7.89 -9.25 -21.46
N VAL A 112 7.46 -10.31 -20.77
CA VAL A 112 6.53 -11.31 -21.30
C VAL A 112 5.15 -10.76 -20.98
N LEU A 113 4.71 -9.85 -21.81
CA LEU A 113 3.52 -9.11 -21.52
C LEU A 113 2.18 -9.94 -21.41
N SER A 114 2.18 -11.05 -22.12
CA SER A 114 1.10 -12.01 -22.05
C SER A 114 0.77 -12.42 -20.61
N ALA A 115 1.80 -12.46 -19.79
CA ALA A 115 1.68 -12.89 -18.38
C ALA A 115 0.98 -11.85 -17.50
N LEU A 116 0.76 -10.65 -18.03
CA LEU A 116 0.13 -9.58 -17.28
C LEU A 116 -1.40 -9.63 -17.38
N ASN A 117 -1.94 -10.63 -18.06
CA ASN A 117 -3.38 -10.77 -18.18
C ASN A 117 -3.94 -11.81 -17.19
N GLY B 1 35.85 -10.93 -6.74
CA GLY B 1 34.56 -10.48 -6.13
C GLY B 1 34.42 -8.98 -5.98
N MSE B 2 33.21 -8.50 -6.27
CA MSE B 2 32.87 -7.10 -6.14
C MSE B 2 32.86 -6.68 -4.69
O MSE B 2 32.40 -7.43 -3.84
CB MSE B 2 31.48 -6.89 -6.73
CG MSE B 2 31.09 -5.41 -6.96
SE MSE B 2 29.17 -5.24 -6.99
CE MSE B 2 28.85 -5.63 -5.37
N THR B 3 33.34 -5.46 -4.41
CA THR B 3 33.30 -4.87 -3.07
C THR B 3 32.03 -4.00 -2.94
N PHE B 4 31.23 -4.27 -1.93
CA PHE B 4 29.96 -3.57 -1.73
C PHE B 4 30.22 -2.15 -1.20
N ARG B 5 29.44 -1.19 -1.68
CA ARG B 5 29.53 0.19 -1.23
C ARG B 5 28.25 0.65 -0.56
N ASP B 6 28.38 1.62 0.33
CA ASP B 6 27.24 2.26 0.97
C ASP B 6 26.76 3.44 0.13
N THR B 7 25.51 3.85 0.29
CA THR B 7 24.92 4.88 -0.57
C THR B 7 25.58 6.26 -0.34
N SER B 8 26.26 6.42 0.79
CA SER B 8 27.07 7.60 1.05
C SER B 8 28.19 7.81 0.02
N ALA B 9 28.53 6.77 -0.77
CA ALA B 9 29.44 6.95 -1.90
C ALA B 9 28.87 7.86 -3.01
N ILE B 10 27.56 8.08 -3.02
CA ILE B 10 26.94 8.88 -4.08
C ILE B 10 26.88 10.32 -3.65
N ALA B 11 27.60 11.19 -4.38
CA ALA B 11 27.65 12.61 -4.10
C ALA B 11 26.43 13.36 -4.65
N SER B 12 25.90 12.90 -5.78
CA SER B 12 24.78 13.54 -6.44
C SER B 12 24.33 12.59 -7.55
N TRP B 13 23.27 12.97 -8.25
CA TRP B 13 22.78 12.25 -9.42
C TRP B 13 22.65 13.19 -10.59
N HIS B 14 22.78 12.64 -11.79
CA HIS B 14 22.35 13.28 -13.04
C HIS B 14 21.31 12.40 -13.71
N ALA B 15 20.28 13.04 -14.23
CA ALA B 15 19.33 12.39 -15.17
C ALA B 15 19.36 13.14 -16.45
N HIS B 16 19.19 12.42 -17.53
CA HIS B 16 19.18 13.02 -18.87
C HIS B 16 17.95 12.54 -19.59
N VAL B 17 17.10 13.45 -20.00
CA VAL B 17 15.95 13.12 -20.82
C VAL B 17 16.43 12.98 -22.26
N TYR B 18 16.22 11.81 -22.85
CA TYR B 18 16.66 11.52 -24.18
C TYR B 18 15.52 11.73 -25.16
N PHE B 19 15.83 12.22 -26.37
CA PHE B 19 14.84 12.48 -27.37
C PHE B 19 15.53 12.59 -28.70
N ASP B 20 14.73 12.76 -29.74
CA ASP B 20 15.27 12.96 -31.05
C ASP B 20 14.29 13.87 -31.78
N ALA B 21 14.47 14.00 -33.10
CA ALA B 21 13.61 14.94 -33.82
C ALA B 21 12.12 14.59 -33.69
N SER B 22 11.83 13.29 -33.71
CA SER B 22 10.44 12.81 -33.58
C SER B 22 9.77 13.10 -32.24
N SER B 23 10.57 13.21 -31.19
CA SER B 23 10.05 13.38 -29.82
C SER B 23 10.46 14.70 -29.21
N ARG B 24 10.94 15.61 -30.04
CA ARG B 24 11.46 16.91 -29.57
C ARG B 24 10.35 17.68 -28.85
N ASP B 25 9.17 17.74 -29.47
CA ASP B 25 8.09 18.49 -28.86
C ASP B 25 7.70 17.92 -27.52
N ALA B 26 7.61 16.59 -27.42
CA ALA B 26 7.29 15.95 -26.17
C ALA B 26 8.38 16.23 -25.11
N ALA B 27 9.62 16.22 -25.54
CA ALA B 27 10.72 16.48 -24.60
C ALA B 27 10.64 17.91 -24.02
N TRP B 28 10.29 18.83 -24.91
CA TRP B 28 10.20 20.24 -24.56
C TRP B 28 9.07 20.43 -23.56
N THR B 29 7.93 19.80 -23.81
CA THR B 29 6.78 19.90 -22.94
C THR B 29 7.08 19.35 -21.54
N LEU B 30 7.76 18.21 -21.46
CA LEU B 30 8.20 17.68 -20.17
C LEU B 30 9.20 18.64 -19.49
N ARG B 31 10.11 19.24 -20.25
CA ARG B 31 11.08 20.19 -19.68
C ARG B 31 10.35 21.39 -19.04
N GLU B 32 9.29 21.86 -19.68
CA GLU B 32 8.52 22.98 -19.13
CA GLU B 32 8.49 22.97 -19.15
C GLU B 32 7.82 22.60 -17.84
N GLN B 33 7.36 21.35 -17.76
CA GLN B 33 6.70 20.87 -16.53
C GLN B 33 7.72 20.67 -15.43
N ILE B 34 8.92 20.24 -15.80
CA ILE B 34 9.98 20.13 -14.80
C ILE B 34 10.31 21.51 -14.23
N GLU B 35 10.43 22.50 -15.10
CA GLU B 35 10.69 23.89 -14.66
CA GLU B 35 10.73 23.84 -14.60
C GLU B 35 9.59 24.33 -13.71
N ALA B 36 8.36 24.14 -14.15
CA ALA B 36 7.19 24.59 -13.42
C ALA B 36 7.14 23.90 -12.05
N HIS B 37 7.44 22.62 -12.04
CA HIS B 37 7.20 21.77 -10.88
C HIS B 37 8.37 21.75 -9.91
N TRP B 38 9.58 21.99 -10.39
CA TRP B 38 10.78 21.65 -9.62
C TRP B 38 11.74 22.80 -9.46
N SER B 39 11.23 24.03 -9.57
CA SER B 39 12.12 25.18 -9.51
C SER B 39 12.78 25.14 -8.14
N GLY B 40 14.10 25.31 -8.11
CA GLY B 40 14.87 25.28 -6.87
C GLY B 40 15.19 23.92 -6.29
N LYS B 41 14.74 22.85 -6.93
CA LYS B 41 14.94 21.50 -6.42
C LYS B 41 15.97 20.74 -7.25
N LEU B 42 16.35 21.30 -8.40
CA LEU B 42 17.33 20.67 -9.29
C LEU B 42 17.89 21.74 -10.21
N GLN B 43 19.01 21.42 -10.84
CA GLN B 43 19.62 22.31 -11.82
C GLN B 43 19.26 21.72 -13.16
N LEU B 44 18.67 22.53 -14.05
CA LEU B 44 18.22 22.10 -15.38
C LEU B 44 19.14 22.65 -16.44
N GLY B 45 19.65 21.77 -17.26
CA GLY B 45 20.64 22.14 -18.25
C GLY B 45 19.98 22.55 -19.55
N ARG B 46 20.83 22.85 -20.52
CA ARG B 46 20.34 23.30 -21.83
C ARG B 46 19.69 22.16 -22.62
N PHE B 47 18.83 22.56 -23.57
CA PHE B 47 18.12 21.63 -24.48
C PHE B 47 19.06 21.31 -25.64
N HIS B 48 19.73 20.16 -25.60
CA HIS B 48 20.74 19.81 -26.63
C HIS B 48 20.04 19.05 -27.73
N GLU B 49 19.91 19.65 -28.92
CA GLU B 49 19.33 19.00 -30.09
C GLU B 49 20.35 18.31 -31.02
N ARG B 50 21.35 17.70 -30.39
CA ARG B 50 22.32 16.82 -31.04
CA ARG B 50 22.29 16.80 -31.03
C ARG B 50 22.87 15.94 -29.91
N PRO B 51 23.50 14.82 -30.25
CA PRO B 51 24.23 14.03 -29.28
C PRO B 51 25.44 14.78 -28.75
N VAL B 52 25.58 14.90 -27.44
CA VAL B 52 26.73 15.52 -26.78
C VAL B 52 27.36 14.58 -25.79
N GLY B 53 28.67 14.72 -25.60
CA GLY B 53 29.32 13.96 -24.55
C GLY B 53 29.14 12.46 -24.81
N PRO B 54 28.74 11.71 -23.78
CA PRO B 54 28.51 10.26 -23.94
C PRO B 54 27.10 9.91 -24.40
N HIS B 55 26.28 10.89 -24.70
CA HIS B 55 24.87 10.65 -24.99
C HIS B 55 24.64 10.42 -26.45
N PRO B 56 24.01 9.30 -26.76
CA PRO B 56 23.73 8.97 -28.17
C PRO B 56 22.48 9.59 -28.74
N MSE B 57 21.65 10.18 -27.86
CA MSE B 57 20.39 10.83 -28.24
C MSE B 57 20.52 12.30 -27.94
O MSE B 57 21.45 12.71 -27.23
CB MSE B 57 19.25 10.28 -27.41
CG MSE B 57 19.02 8.79 -27.57
SE MSE B 57 18.09 8.44 -29.27
CE MSE B 57 16.34 8.94 -28.61
N TRP B 58 19.61 13.11 -28.48
CA TRP B 58 19.46 14.50 -28.06
C TRP B 58 19.08 14.43 -26.59
N SER B 59 19.36 15.46 -25.80
CA SER B 59 19.20 15.34 -24.36
C SER B 59 19.10 16.66 -23.63
N TYR B 60 18.55 16.61 -22.44
CA TYR B 60 18.84 17.62 -21.43
C TYR B 60 19.04 17.03 -20.03
N GLN B 61 19.78 17.75 -19.18
CA GLN B 61 20.22 17.25 -17.91
C GLN B 61 19.44 17.82 -16.74
N LEU B 62 19.21 16.98 -15.74
CA LEU B 62 18.76 17.40 -14.44
C LEU B 62 19.83 16.95 -13.47
N ALA B 63 20.31 17.85 -12.63
CA ALA B 63 21.28 17.50 -11.61
C ALA B 63 20.65 17.73 -10.26
N PHE B 64 20.77 16.77 -9.34
CA PHE B 64 20.04 16.78 -8.09
C PHE B 64 20.75 15.94 -7.04
N THR B 65 20.35 16.17 -5.79
CA THR B 65 20.90 15.48 -4.63
C THR B 65 20.19 14.18 -4.31
N GLN B 66 20.88 13.35 -3.56
CA GLN B 66 20.29 12.12 -3.03
C GLN B 66 18.99 12.41 -2.28
N GLU B 67 18.90 13.58 -1.64
CA GLU B 67 17.70 13.93 -0.87
C GLU B 67 16.47 14.24 -1.76
N GLN B 68 16.70 14.56 -3.04
CA GLN B 68 15.64 14.77 -4.02
CA GLN B 68 15.60 14.75 -4.00
C GLN B 68 15.33 13.53 -4.86
N PHE B 69 16.17 12.51 -4.76
CA PHE B 69 16.08 11.35 -5.62
C PHE B 69 14.71 10.68 -5.63
N ALA B 70 14.19 10.31 -4.47
CA ALA B 70 12.94 9.55 -4.47
C ALA B 70 11.79 10.34 -5.06
N ASP B 71 11.63 11.60 -4.68
CA ASP B 71 10.56 12.43 -5.17
C ASP B 71 10.69 12.60 -6.68
N LEU B 72 11.89 12.94 -7.13
CA LEU B 72 12.05 13.31 -8.54
C LEU B 72 12.03 12.08 -9.45
N VAL B 73 12.71 11.02 -9.03
CA VAL B 73 12.75 9.81 -9.85
C VAL B 73 11.36 9.13 -9.87
N GLY B 74 10.66 9.10 -8.75
CA GLY B 74 9.30 8.62 -8.75
C GLY B 74 8.41 9.40 -9.69
N TRP B 75 8.52 10.73 -9.66
CA TRP B 75 7.70 11.56 -10.52
C TRP B 75 8.05 11.35 -11.97
N LEU B 76 9.33 11.28 -12.32
CA LEU B 76 9.72 11.01 -13.68
C LEU B 76 9.24 9.65 -14.17
N THR B 77 9.28 8.67 -13.28
CA THR B 77 8.82 7.32 -13.66
C THR B 77 7.35 7.32 -14.02
N LEU B 78 6.54 8.07 -13.30
CA LEU B 78 5.11 8.20 -13.58
C LEU B 78 4.79 9.06 -14.80
N ASN B 79 5.67 10.01 -15.09
CA ASN B 79 5.28 11.13 -16.00
C ASN B 79 6.14 11.25 -17.24
N HIS B 80 7.08 10.33 -17.45
CA HIS B 80 8.00 10.47 -18.58
C HIS B 80 7.40 10.17 -19.95
N GLY B 81 6.22 9.58 -20.01
CA GLY B 81 5.64 9.22 -21.32
C GLY B 81 6.53 8.20 -22.00
N ALA B 82 6.82 8.44 -23.27
CA ALA B 82 7.65 7.55 -24.07
C ALA B 82 9.09 8.02 -24.17
N LEU B 83 9.46 9.00 -23.35
CA LEU B 83 10.85 9.49 -23.34
C LEU B 83 11.72 8.66 -22.42
N ASP B 84 12.77 8.08 -22.96
CA ASP B 84 13.73 7.34 -22.14
C ASP B 84 14.56 8.32 -21.37
N ILE B 85 14.91 7.98 -20.13
CA ILE B 85 15.68 8.84 -19.27
C ILE B 85 16.85 8.04 -18.75
N PHE B 86 18.05 8.56 -18.93
CA PHE B 86 19.28 7.97 -18.44
C PHE B 86 19.62 8.57 -17.09
N LEU B 87 19.86 7.76 -16.07
CA LEU B 87 20.26 8.25 -14.75
C LEU B 87 21.53 7.61 -14.31
N HIS B 88 22.38 8.34 -13.61
CA HIS B 88 23.53 7.71 -13.02
C HIS B 88 23.96 8.53 -11.79
N PRO B 89 24.52 7.85 -10.80
CA PRO B 89 25.10 8.52 -9.66
C PRO B 89 26.44 9.11 -10.06
N ASN B 90 26.88 10.06 -9.24
CA ASN B 90 28.18 10.68 -9.36
C ASN B 90 28.96 10.26 -8.10
N THR B 91 29.97 9.40 -8.29
CA THR B 91 30.78 8.88 -7.21
C THR B 91 32.24 9.37 -7.29
N GLY B 92 32.56 10.22 -8.29
CA GLY B 92 33.93 10.64 -8.54
C GLY B 92 34.69 9.90 -9.62
N ASP B 93 34.04 9.03 -10.37
CA ASP B 93 34.66 8.22 -11.42
C ASP B 93 33.68 8.18 -12.61
N ALA B 94 33.78 9.14 -13.52
CA ALA B 94 32.79 9.30 -14.54
C ALA B 94 32.63 8.03 -15.41
N LEU B 95 33.72 7.43 -15.87
CA LEU B 95 33.59 6.25 -16.70
C LEU B 95 32.90 5.10 -15.93
N ARG B 96 33.36 4.84 -14.72
CA ARG B 96 32.73 3.75 -13.93
C ARG B 96 31.24 4.05 -13.73
N ASP B 97 30.91 5.28 -13.35
CA ASP B 97 29.49 5.62 -13.13
C ASP B 97 28.63 5.40 -14.36
N HIS B 98 29.10 5.78 -15.53
CA HIS B 98 28.34 5.61 -16.75
C HIS B 98 28.33 4.15 -17.22
N ARG B 99 29.46 3.48 -17.15
CA ARG B 99 29.61 2.13 -17.67
C ARG B 99 28.87 1.13 -16.74
N ASP B 100 29.02 1.33 -15.45
CA ASP B 100 28.63 0.31 -14.48
C ASP B 100 27.41 0.67 -13.65
N ALA B 101 27.04 1.95 -13.58
CA ALA B 101 25.97 2.41 -12.69
C ALA B 101 24.84 3.16 -13.44
N ALA B 102 24.63 2.84 -14.71
CA ALA B 102 23.54 3.36 -15.52
C ALA B 102 22.20 2.77 -15.10
N VAL B 103 21.21 3.66 -15.02
CA VAL B 103 19.83 3.36 -14.70
C VAL B 103 19.01 4.02 -15.83
N TRP B 104 17.91 3.36 -16.21
CA TRP B 104 17.11 3.83 -17.30
C TRP B 104 15.63 3.81 -16.93
N ILE B 105 14.98 4.95 -17.13
CA ILE B 105 13.54 4.96 -17.06
C ILE B 105 13.09 4.75 -18.49
N GLY B 106 12.44 3.64 -18.77
CA GLY B 106 11.99 3.30 -20.11
C GLY B 106 12.90 2.24 -20.71
N HIS B 107 13.63 2.56 -21.77
CA HIS B 107 14.54 1.64 -22.42
C HIS B 107 15.98 2.10 -22.26
N SER B 108 16.90 1.14 -22.19
CA SER B 108 18.33 1.44 -22.19
C SER B 108 18.90 1.73 -23.54
N HIS B 109 19.94 2.55 -23.54
CA HIS B 109 20.69 2.89 -24.74
C HIS B 109 22.15 2.57 -24.53
N GLU B 110 22.83 2.21 -25.61
CA GLU B 110 24.29 2.08 -25.56
C GLU B 110 24.89 3.47 -25.58
N LEU B 111 25.60 3.78 -24.50
CA LEU B 111 26.22 5.08 -24.38
C LEU B 111 27.47 5.16 -25.24
N VAL B 112 27.85 6.40 -25.54
CA VAL B 112 29.14 6.64 -26.18
C VAL B 112 30.21 6.71 -25.10
N LEU B 113 30.51 5.55 -24.50
CA LEU B 113 31.41 5.52 -23.36
C LEU B 113 32.81 5.94 -23.78
N SER B 114 33.15 5.72 -25.03
CA SER B 114 34.45 6.12 -25.52
C SER B 114 34.68 7.63 -25.42
N ALA B 115 33.62 8.43 -25.30
CA ALA B 115 33.78 9.86 -25.14
C ALA B 115 34.30 10.26 -23.79
N LEU B 116 34.28 9.35 -22.81
CA LEU B 116 34.64 9.65 -21.45
C LEU B 116 36.11 9.39 -21.19
N ASN B 117 36.58 10.04 -20.14
CA ASN B 117 37.89 9.79 -19.59
C ASN B 117 38.94 9.81 -20.69
N GLY C 1 -30.45 12.04 25.81
CA GLY C 1 -30.33 13.30 25.01
C GLY C 1 -29.39 13.19 23.83
N MSE C 2 -29.16 11.98 23.35
CA MSE C 2 -28.39 11.79 22.13
C MSE C 2 -29.34 12.09 20.98
O MSE C 2 -30.50 11.66 20.98
CB MSE C 2 -27.90 10.35 22.03
CG MSE C 2 -26.93 10.12 20.88
SE MSE C 2 -26.65 8.26 20.57
CE MSE C 2 -28.25 7.89 19.82
N THR C 3 -28.84 12.83 19.99
CA THR C 3 -29.58 13.00 18.75
C THR C 3 -29.13 11.93 17.80
N PHE C 4 -30.09 11.18 17.28
CA PHE C 4 -29.87 10.14 16.29
C PHE C 4 -29.50 10.80 14.98
N ARG C 5 -28.50 10.23 14.33
CA ARG C 5 -28.00 10.69 13.06
C ARG C 5 -28.18 9.69 11.95
N ASP C 6 -28.35 10.25 10.77
CA ASP C 6 -28.48 9.48 9.54
CA ASP C 6 -28.47 9.49 9.55
C ASP C 6 -27.09 9.23 8.98
N THR C 7 -26.92 8.16 8.21
CA THR C 7 -25.60 7.88 7.62
C THR C 7 -25.11 8.95 6.62
N SER C 8 -25.99 9.87 6.19
CA SER C 8 -25.56 10.99 5.32
C SER C 8 -24.60 11.93 6.06
N ALA C 9 -24.53 11.81 7.39
CA ALA C 9 -23.61 12.59 8.18
C ALA C 9 -22.15 12.17 7.95
N ILE C 10 -21.96 10.98 7.38
CA ILE C 10 -20.62 10.41 7.18
C ILE C 10 -20.11 10.85 5.82
N ALA C 11 -19.05 11.63 5.84
CA ALA C 11 -18.42 12.04 4.58
C ALA C 11 -17.64 10.87 3.95
N SER C 12 -16.93 10.10 4.80
CA SER C 12 -16.07 9.04 4.36
C SER C 12 -15.76 8.20 5.57
N TRP C 13 -15.18 7.03 5.32
CA TRP C 13 -14.64 6.14 6.33
C TRP C 13 -13.14 6.11 6.20
N HIS C 14 -12.50 5.92 7.34
CA HIS C 14 -11.06 5.74 7.38
C HIS C 14 -10.75 4.50 8.18
N ALA C 15 -9.90 3.65 7.66
CA ALA C 15 -9.45 2.46 8.38
C ALA C 15 -7.92 2.56 8.56
N HIS C 16 -7.44 1.95 9.62
CA HIS C 16 -6.02 1.93 9.95
C HIS C 16 -5.70 0.46 10.32
N VAL C 17 -4.87 -0.19 9.51
CA VAL C 17 -4.43 -1.56 9.80
C VAL C 17 -3.22 -1.45 10.72
N TYR C 18 -3.31 -2.06 11.88
CA TYR C 18 -2.23 -2.04 12.90
C TYR C 18 -1.34 -3.25 12.73
N PHE C 19 -0.05 -3.03 12.94
CA PHE C 19 0.88 -4.12 12.88
C PHE C 19 2.15 -3.79 13.67
N ASP C 20 3.10 -4.71 13.65
CA ASP C 20 4.41 -4.47 14.29
C ASP C 20 5.42 -5.29 13.55
N ALA C 21 6.66 -5.32 14.05
CA ALA C 21 7.69 -6.02 13.34
C ALA C 21 7.33 -7.51 13.18
N SER C 22 6.67 -8.10 14.18
CA SER C 22 6.30 -9.51 14.12
CA SER C 22 6.32 -9.50 14.11
C SER C 22 5.23 -9.80 13.06
N SER C 23 4.44 -8.79 12.67
CA SER C 23 3.35 -8.98 11.72
C SER C 23 3.55 -8.15 10.45
N ARG C 24 4.79 -7.72 10.22
CA ARG C 24 5.06 -6.88 9.06
C ARG C 24 4.70 -7.56 7.78
N ASP C 25 5.09 -8.83 7.62
CA ASP C 25 4.85 -9.49 6.37
C ASP C 25 3.35 -9.66 6.10
N ALA C 26 2.58 -10.04 7.10
CA ALA C 26 1.14 -10.18 6.92
C ALA C 26 0.48 -8.84 6.58
N ALA C 27 0.95 -7.78 7.27
CA ALA C 27 0.43 -6.44 7.04
C ALA C 27 0.74 -5.99 5.61
N TRP C 28 1.93 -6.27 5.11
CA TRP C 28 2.30 -5.91 3.75
C TRP C 28 1.49 -6.68 2.76
N THR C 29 1.38 -7.99 2.93
CA THR C 29 0.56 -8.80 2.03
C THR C 29 -0.84 -8.27 1.94
N LEU C 30 -1.44 -7.92 3.09
CA LEU C 30 -2.79 -7.40 3.06
C LEU C 30 -2.85 -6.11 2.27
N ARG C 31 -1.87 -5.23 2.47
CA ARG C 31 -1.87 -3.93 1.79
C ARG C 31 -1.76 -4.12 0.28
N GLU C 32 -0.86 -5.00 -0.15
CA GLU C 32 -0.73 -5.28 -1.57
C GLU C 32 -2.02 -5.87 -2.14
N GLN C 33 -2.71 -6.70 -1.36
CA GLN C 33 -3.95 -7.29 -1.83
CA GLN C 33 -3.97 -7.29 -1.81
C GLN C 33 -5.07 -6.26 -1.93
N ILE C 34 -5.08 -5.31 -1.01
CA ILE C 34 -6.03 -4.20 -1.06
C ILE C 34 -5.77 -3.40 -2.33
N GLU C 35 -4.51 -3.06 -2.57
CA GLU C 35 -4.19 -2.30 -3.77
C GLU C 35 -4.61 -2.99 -5.06
N ALA C 36 -4.38 -4.31 -5.13
CA ALA C 36 -4.73 -5.07 -6.33
C ALA C 36 -6.23 -5.26 -6.46
N HIS C 37 -6.88 -5.62 -5.36
CA HIS C 37 -8.30 -5.98 -5.42
C HIS C 37 -9.17 -4.80 -5.84
N TRP C 38 -8.84 -3.60 -5.37
CA TRP C 38 -9.56 -2.41 -5.76
C TRP C 38 -8.83 -1.59 -6.81
N SER C 39 -7.77 -2.18 -7.40
CA SER C 39 -7.05 -1.57 -8.56
C SER C 39 -6.62 -0.12 -8.27
N GLY C 40 -6.15 0.13 -7.08
CA GLY C 40 -5.69 1.47 -6.72
C GLY C 40 -6.75 2.51 -6.52
N LYS C 41 -8.01 2.10 -6.49
CA LYS C 41 -9.15 3.06 -6.50
C LYS C 41 -9.50 3.57 -5.13
N LEU C 42 -8.98 2.93 -4.08
CA LEU C 42 -9.12 3.39 -2.71
C LEU C 42 -8.00 4.33 -2.37
N GLN C 43 -8.14 5.08 -1.28
CA GLN C 43 -7.08 5.99 -0.85
C GLN C 43 -6.19 5.30 0.19
N LEU C 44 -4.94 5.00 -0.21
CA LEU C 44 -3.99 4.22 0.61
C LEU C 44 -2.88 5.15 1.06
N GLY C 45 -2.65 5.27 2.38
CA GLY C 45 -1.60 6.06 2.97
C GLY C 45 -0.27 5.28 3.01
N ARG C 46 0.71 5.97 3.56
CA ARG C 46 2.04 5.40 3.73
C ARG C 46 2.04 4.24 4.72
N PHE C 47 2.96 3.30 4.51
CA PHE C 47 3.18 2.14 5.39
C PHE C 47 4.09 2.67 6.48
N HIS C 48 3.51 2.99 7.63
CA HIS C 48 4.24 3.63 8.74
C HIS C 48 4.72 2.59 9.74
N GLU C 49 6.03 2.40 9.83
CA GLU C 49 6.64 1.55 10.86
C GLU C 49 7.01 2.37 12.05
N ARG C 50 6.08 3.22 12.46
CA ARG C 50 6.18 3.98 13.71
C ARG C 50 4.73 4.33 14.11
N PRO C 51 4.48 4.59 15.38
CA PRO C 51 3.18 5.10 15.77
C PRO C 51 3.03 6.53 15.28
N VAL C 52 1.93 6.82 14.60
CA VAL C 52 1.61 8.13 14.10
C VAL C 52 0.23 8.56 14.61
N GLY C 53 -0.01 9.85 14.63
CA GLY C 53 -1.30 10.36 15.07
C GLY C 53 -1.70 9.76 16.44
N PRO C 54 -2.98 9.36 16.57
CA PRO C 54 -3.46 8.78 17.82
C PRO C 54 -3.18 7.28 17.93
N HIS C 55 -2.45 6.67 17.02
CA HIS C 55 -2.42 5.20 16.92
C HIS C 55 -1.40 4.59 17.83
N PRO C 56 -1.74 3.50 18.47
CA PRO C 56 -0.83 2.84 19.37
C PRO C 56 0.18 1.92 18.77
N MSE C 57 0.03 1.63 17.50
CA MSE C 57 0.80 0.64 16.77
CA MSE C 57 0.92 0.71 16.82
C MSE C 57 1.27 1.24 15.47
O MSE C 57 0.68 2.22 14.99
CB MSE C 57 -0.08 -0.56 16.41
CB MSE C 57 0.26 -0.67 16.70
CG MSE C 57 -0.72 -1.28 17.57
CG MSE C 57 -0.03 -1.30 18.05
SE MSE C 57 0.59 -2.41 18.43
SE MSE C 57 -0.97 -2.99 17.87
CE MSE C 57 0.64 -3.90 17.18
CE MSE C 57 0.03 -3.89 16.60
N TRP C 58 2.26 0.60 14.86
CA TRP C 58 2.57 0.86 13.49
C TRP C 58 1.30 0.67 12.63
N SER C 59 1.14 1.41 11.54
CA SER C 59 -0.11 1.37 10.82
C SER C 59 -0.02 1.84 9.42
N TYR C 60 -1.05 1.54 8.66
CA TYR C 60 -1.31 2.24 7.40
C TYR C 60 -2.80 2.51 7.25
N GLN C 61 -3.13 3.56 6.49
CA GLN C 61 -4.48 4.08 6.38
C GLN C 61 -5.12 3.75 5.04
N LEU C 62 -6.43 3.53 5.08
CA LEU C 62 -7.27 3.38 3.90
C LEU C 62 -8.42 4.32 4.07
N ALA C 63 -8.85 4.99 3.02
CA ALA C 63 -10.08 5.80 3.10
C ALA C 63 -10.99 5.43 1.95
N PHE C 64 -12.30 5.51 2.20
CA PHE C 64 -13.27 4.96 1.25
C PHE C 64 -14.64 5.55 1.55
N THR C 65 -15.58 5.32 0.64
CA THR C 65 -16.94 5.88 0.80
C THR C 65 -17.87 4.97 1.54
N GLN C 66 -18.96 5.55 2.01
CA GLN C 66 -20.08 4.78 2.55
C GLN C 66 -20.61 3.76 1.57
N GLU C 67 -20.51 4.02 0.27
CA GLU C 67 -20.96 3.06 -0.76
C GLU C 67 -19.97 1.90 -1.02
N GLN C 68 -18.74 2.07 -0.55
CA GLN C 68 -17.72 1.00 -0.59
C GLN C 68 -17.62 0.24 0.73
N PHE C 69 -18.30 0.73 1.76
CA PHE C 69 -18.14 0.24 3.11
C PHE C 69 -18.50 -1.24 3.24
N ALA C 70 -19.64 -1.67 2.70
CA ALA C 70 -20.02 -3.06 2.94
C ALA C 70 -19.03 -4.04 2.31
N ASP C 71 -18.63 -3.78 1.08
CA ASP C 71 -17.68 -4.63 0.35
C ASP C 71 -16.30 -4.65 1.03
N LEU C 72 -15.79 -3.47 1.33
CA LEU C 72 -14.46 -3.39 1.92
C LEU C 72 -14.41 -3.96 3.33
N VAL C 73 -15.38 -3.60 4.16
CA VAL C 73 -15.38 -4.10 5.53
C VAL C 73 -15.64 -5.60 5.56
N GLY C 74 -16.53 -6.10 4.72
CA GLY C 74 -16.73 -7.54 4.60
C GLY C 74 -15.46 -8.26 4.22
N TRP C 75 -14.77 -7.73 3.18
CA TRP C 75 -13.54 -8.37 2.74
C TRP C 75 -12.45 -8.30 3.84
N LEU C 76 -12.28 -7.14 4.47
CA LEU C 76 -11.29 -7.04 5.51
C LEU C 76 -11.64 -7.97 6.65
N THR C 77 -12.93 -8.13 6.98
CA THR C 77 -13.33 -9.06 8.03
C THR C 77 -12.93 -10.50 7.74
N LEU C 78 -13.01 -10.89 6.48
CA LEU C 78 -12.65 -12.23 6.11
C LEU C 78 -11.16 -12.42 6.01
N ASN C 79 -10.45 -11.34 5.70
CA ASN C 79 -9.06 -11.47 5.21
C ASN C 79 -8.02 -10.80 6.05
N HIS C 80 -8.41 -10.24 7.19
CA HIS C 80 -7.43 -9.52 8.03
C HIS C 80 -6.45 -10.41 8.77
N GLY C 81 -6.74 -11.70 8.92
CA GLY C 81 -5.93 -12.57 9.70
C GLY C 81 -5.92 -12.13 11.15
N ALA C 82 -4.71 -11.99 11.72
CA ALA C 82 -4.52 -11.61 13.12
C ALA C 82 -4.25 -10.13 13.27
N LEU C 83 -4.49 -9.36 12.24
CA LEU C 83 -4.17 -7.91 12.26
C LEU C 83 -5.42 -7.15 12.73
N ASP C 84 -5.28 -6.38 13.80
CA ASP C 84 -6.39 -5.53 14.25
C ASP C 84 -6.50 -4.32 13.35
N ILE C 85 -7.74 -3.93 13.05
CA ILE C 85 -8.02 -2.80 12.15
C ILE C 85 -8.96 -1.84 12.85
N PHE C 86 -8.55 -0.57 12.97
CA PHE C 86 -9.38 0.51 13.49
C PHE C 86 -10.13 1.20 12.37
N LEU C 87 -11.41 1.38 12.50
CA LEU C 87 -12.18 2.10 11.47
C LEU C 87 -13.02 3.15 12.17
N HIS C 88 -13.22 4.26 11.50
CA HIS C 88 -14.12 5.30 12.02
C HIS C 88 -14.68 6.14 10.88
N PRO C 89 -15.88 6.68 11.09
CA PRO C 89 -16.41 7.64 10.15
C PRO C 89 -15.79 9.00 10.34
N ASN C 90 -15.79 9.77 9.26
CA ASN C 90 -15.39 11.16 9.23
C ASN C 90 -16.64 11.96 9.06
N THR C 91 -17.00 12.64 10.15
CA THR C 91 -18.15 13.53 10.17
C THR C 91 -17.75 15.01 10.31
N GLY C 92 -16.46 15.29 10.25
CA GLY C 92 -15.96 16.64 10.47
C GLY C 92 -15.52 16.98 11.87
N ASP C 93 -15.59 16.01 12.79
CA ASP C 93 -15.26 16.24 14.21
C ASP C 93 -14.34 15.07 14.60
N ALA C 94 -13.05 15.25 14.42
CA ALA C 94 -12.10 14.18 14.60
C ALA C 94 -12.12 13.56 15.97
N LEU C 95 -12.18 14.39 17.01
CA LEU C 95 -12.18 13.85 18.35
C LEU C 95 -13.46 13.02 18.56
N ARG C 96 -14.61 13.57 18.20
CA ARG C 96 -15.84 12.83 18.39
C ARG C 96 -15.83 11.51 17.64
N ASP C 97 -15.39 11.59 16.40
CA ASP C 97 -15.37 10.40 15.58
C ASP C 97 -14.49 9.29 16.14
N HIS C 98 -13.28 9.65 16.61
CA HIS C 98 -12.34 8.66 17.11
C HIS C 98 -12.69 8.18 18.49
N ARG C 99 -13.22 9.05 19.35
CA ARG C 99 -13.58 8.68 20.69
C ARG C 99 -14.88 7.84 20.75
N ASP C 100 -15.89 8.27 19.99
CA ASP C 100 -17.25 7.76 20.18
C ASP C 100 -17.73 6.87 19.04
N ALA C 101 -17.05 6.89 17.88
CA ALA C 101 -17.49 6.14 16.72
C ALA C 101 -16.44 5.17 16.19
N ALA C 102 -15.59 4.67 17.09
CA ALA C 102 -14.61 3.67 16.76
C ALA C 102 -15.25 2.30 16.49
N VAL C 103 -14.71 1.63 15.47
CA VAL C 103 -15.10 0.27 15.09
C VAL C 103 -13.81 -0.50 14.98
N TRP C 104 -13.80 -1.77 15.35
CA TRP C 104 -12.57 -2.56 15.34
C TRP C 104 -12.81 -3.93 14.76
N ILE C 105 -11.99 -4.27 13.80
CA ILE C 105 -11.96 -5.63 13.28
C ILE C 105 -10.89 -6.33 14.07
N GLY C 106 -11.25 -7.32 14.86
CA GLY C 106 -10.31 -7.97 15.75
C GLY C 106 -10.52 -7.60 17.20
N HIS C 107 -9.55 -6.90 17.77
CA HIS C 107 -9.60 -6.39 19.12
C HIS C 107 -9.52 -4.88 19.12
N SER C 108 -10.17 -4.26 20.09
CA SER C 108 -10.06 -2.85 20.28
C SER C 108 -8.79 -2.48 21.01
N HIS C 109 -8.35 -1.26 20.71
CA HIS C 109 -7.21 -0.65 21.39
C HIS C 109 -7.59 0.72 21.89
N GLU C 110 -6.83 1.18 22.85
CA GLU C 110 -6.84 2.58 23.27
CA GLU C 110 -6.91 2.59 23.23
C GLU C 110 -6.14 3.41 22.22
N LEU C 111 -6.63 4.64 22.02
CA LEU C 111 -5.99 5.65 21.19
C LEU C 111 -5.45 6.79 22.04
N VAL C 112 -4.47 7.50 21.49
CA VAL C 112 -3.96 8.68 22.12
C VAL C 112 -4.75 9.84 21.56
N LEU C 113 -5.93 10.02 22.13
CA LEU C 113 -6.89 11.01 21.56
C LEU C 113 -6.37 12.41 21.66
N SER C 114 -5.52 12.70 22.64
CA SER C 114 -4.89 14.04 22.73
C SER C 114 -4.08 14.41 21.49
N ALA C 115 -3.63 13.43 20.69
CA ALA C 115 -2.88 13.74 19.47
C ALA C 115 -3.76 14.40 18.40
N LEU C 116 -5.07 14.28 18.55
CA LEU C 116 -6.02 14.91 17.61
C LEU C 116 -6.14 16.41 17.90
N GLY D 1 0.08 -18.51 5.86
CA GLY D 1 -0.27 -18.51 4.40
C GLY D 1 -1.78 -18.51 4.27
N MSE D 2 -2.40 -17.47 4.85
CA MSE D 2 -3.85 -17.33 4.81
C MSE D 2 -4.33 -17.31 3.38
O MSE D 2 -3.71 -16.69 2.52
CB MSE D 2 -4.25 -16.01 5.49
CG MSE D 2 -5.76 -15.90 5.74
SE MSE D 2 -6.26 -14.11 6.03
CE MSE D 2 -6.15 -13.62 4.25
N THR D 3 -5.44 -17.98 3.12
CA THR D 3 -6.09 -17.94 1.80
C THR D 3 -7.17 -16.85 1.81
N PHE D 4 -7.07 -15.91 0.86
CA PHE D 4 -8.03 -14.82 0.72
C PHE D 4 -9.38 -15.31 0.19
N ARG D 5 -10.45 -14.80 0.76
CA ARG D 5 -11.84 -15.09 0.37
C ARG D 5 -12.53 -13.85 -0.18
N ASP D 6 -13.51 -14.07 -1.06
CA ASP D 6 -14.35 -12.99 -1.54
C ASP D 6 -15.55 -12.84 -0.63
N THR D 7 -16.19 -11.69 -0.68
CA THR D 7 -17.28 -11.38 0.21
C THR D 7 -18.53 -12.26 -0.03
N SER D 8 -18.62 -12.92 -1.19
CA SER D 8 -19.65 -13.94 -1.44
C SER D 8 -19.63 -15.07 -0.41
N ALA D 9 -18.51 -15.25 0.29
CA ALA D 9 -18.43 -16.22 1.36
C ALA D 9 -19.40 -15.91 2.51
N ILE D 10 -19.84 -14.65 2.60
CA ILE D 10 -20.69 -14.19 3.70
C ILE D 10 -22.15 -14.40 3.35
N ALA D 11 -22.82 -15.27 4.09
CA ALA D 11 -24.24 -15.55 3.84
C ALA D 11 -25.16 -14.50 4.49
N SER D 12 -24.75 -14.01 5.65
CA SER D 12 -25.52 -13.03 6.44
C SER D 12 -24.65 -12.53 7.56
N TRP D 13 -25.17 -11.59 8.35
CA TRP D 13 -24.47 -11.09 9.52
C TRP D 13 -25.34 -11.16 10.75
N HIS D 14 -24.70 -11.30 11.92
CA HIS D 14 -25.40 -11.07 13.19
C HIS D 14 -24.69 -9.93 13.92
N ALA D 15 -25.47 -9.05 14.52
CA ALA D 15 -24.95 -8.10 15.49
C ALA D 15 -25.61 -8.37 16.80
N HIS D 16 -24.88 -8.14 17.88
CA HIS D 16 -25.39 -8.32 19.24
C HIS D 16 -25.07 -7.08 20.04
N VAL D 17 -26.08 -6.36 20.46
CA VAL D 17 -25.90 -5.26 21.37
C VAL D 17 -25.64 -5.83 22.76
N TYR D 18 -24.53 -5.46 23.37
CA TYR D 18 -24.11 -5.95 24.67
C TYR D 18 -24.41 -4.94 25.71
N PHE D 19 -24.76 -5.43 26.91
CA PHE D 19 -25.12 -4.58 28.02
C PHE D 19 -25.05 -5.38 29.29
N ASP D 20 -25.35 -4.73 30.40
CA ASP D 20 -25.36 -5.36 31.69
C ASP D 20 -26.38 -4.60 32.56
N ALA D 21 -26.45 -4.92 33.84
CA ALA D 21 -27.44 -4.26 34.67
C ALA D 21 -27.31 -2.74 34.62
N SER D 22 -26.09 -2.23 34.58
CA SER D 22 -25.89 -0.78 34.58
C SER D 22 -26.38 -0.08 33.31
N SER D 23 -26.44 -0.81 32.21
CA SER D 23 -26.77 -0.23 30.91
C SER D 23 -28.03 -0.81 30.28
N ARG D 24 -28.81 -1.49 31.09
CA ARG D 24 -30.03 -2.18 30.61
C ARG D 24 -31.00 -1.19 30.01
N ASP D 25 -31.21 -0.07 30.71
CA ASP D 25 -32.19 0.88 30.24
C ASP D 25 -31.76 1.48 28.93
N ALA D 26 -30.49 1.83 28.79
CA ALA D 26 -29.94 2.31 27.53
C ALA D 26 -30.07 1.26 26.41
N ALA D 27 -29.81 -0.01 26.74
CA ALA D 27 -29.92 -1.04 25.71
C ALA D 27 -31.38 -1.21 25.25
N TRP D 28 -32.32 -1.12 26.20
CA TRP D 28 -33.75 -1.25 25.87
C TRP D 28 -34.20 -0.10 25.00
N THR D 29 -33.78 1.11 25.39
CA THR D 29 -34.04 2.29 24.60
C THR D 29 -33.56 2.20 23.16
N LEU D 30 -32.32 1.73 22.94
CA LEU D 30 -31.79 1.51 21.59
C LEU D 30 -32.62 0.44 20.84
N ARG D 31 -33.03 -0.59 21.57
CA ARG D 31 -33.81 -1.68 20.93
C ARG D 31 -35.14 -1.10 20.42
N GLU D 32 -35.75 -0.22 21.20
CA GLU D 32 -36.99 0.37 20.75
C GLU D 32 -36.78 1.23 19.52
N GLN D 33 -35.64 1.91 19.45
CA GLN D 33 -35.31 2.71 18.29
C GLN D 33 -35.02 1.84 17.08
N ILE D 34 -34.38 0.68 17.30
CA ILE D 34 -34.11 -0.23 16.19
C ILE D 34 -35.45 -0.77 15.65
N GLU D 35 -36.32 -1.18 16.56
CA GLU D 35 -37.66 -1.68 16.24
C GLU D 35 -38.37 -0.67 15.35
N ALA D 36 -38.36 0.59 15.77
CA ALA D 36 -39.09 1.67 15.09
C ALA D 36 -38.52 1.98 13.70
N HIS D 37 -37.20 1.97 13.61
CA HIS D 37 -36.50 2.53 12.47
C HIS D 37 -36.21 1.45 11.44
N TRP D 38 -36.19 0.18 11.84
CA TRP D 38 -35.70 -0.90 11.00
C TRP D 38 -36.68 -2.05 10.84
N SER D 39 -37.95 -1.82 11.14
CA SER D 39 -38.94 -2.87 10.95
C SER D 39 -38.89 -3.29 9.49
N GLY D 40 -38.82 -4.60 9.27
CA GLY D 40 -38.78 -5.14 7.94
C GLY D 40 -37.41 -5.39 7.38
N LYS D 41 -36.39 -4.78 7.98
CA LYS D 41 -35.04 -4.77 7.39
C LYS D 41 -34.07 -5.71 8.15
N LEU D 42 -34.52 -6.23 9.28
CA LEU D 42 -33.72 -7.15 10.05
C LEU D 42 -34.61 -7.97 10.98
N GLN D 43 -34.06 -9.04 11.52
CA GLN D 43 -34.73 -9.87 12.48
C GLN D 43 -34.17 -9.52 13.82
N LEU D 44 -35.03 -9.16 14.75
CA LEU D 44 -34.66 -8.75 16.10
C LEU D 44 -35.00 -9.85 17.10
N GLY D 45 -33.99 -10.27 17.84
CA GLY D 45 -34.15 -11.31 18.82
C GLY D 45 -34.58 -10.82 20.18
N ARG D 46 -34.69 -11.76 21.10
CA ARG D 46 -35.14 -11.49 22.45
C ARG D 46 -34.11 -10.71 23.24
N PHE D 47 -34.58 -10.01 24.26
CA PHE D 47 -33.74 -9.24 25.17
C PHE D 47 -33.22 -10.16 26.29
N HIS D 48 -31.96 -10.59 26.18
CA HIS D 48 -31.38 -11.58 27.08
C HIS D 48 -30.70 -10.85 28.19
N GLU D 49 -31.25 -10.94 29.37
CA GLU D 49 -30.69 -10.27 30.55
C GLU D 49 -29.79 -11.22 31.37
N ARG D 50 -29.05 -12.08 30.65
CA ARG D 50 -27.96 -12.87 31.18
C ARG D 50 -27.06 -13.21 29.99
N PRO D 51 -25.82 -13.64 30.26
CA PRO D 51 -24.96 -14.21 29.21
C PRO D 51 -25.55 -15.48 28.65
N VAL D 52 -25.67 -15.51 27.32
CA VAL D 52 -26.12 -16.71 26.64
C VAL D 52 -25.16 -17.13 25.54
N GLY D 53 -25.09 -18.43 25.25
CA GLY D 53 -24.26 -18.87 24.14
C GLY D 53 -22.81 -18.42 24.32
N PRO D 54 -22.20 -17.85 23.29
CA PRO D 54 -20.81 -17.38 23.40
C PRO D 54 -20.71 -15.95 23.98
N HIS D 55 -21.81 -15.33 24.37
CA HIS D 55 -21.82 -13.92 24.73
C HIS D 55 -21.53 -13.70 26.21
N PRO D 56 -20.50 -12.92 26.56
CA PRO D 56 -20.20 -12.74 27.98
C PRO D 56 -20.97 -11.64 28.71
N MSE D 57 -21.71 -10.86 27.94
CA MSE D 57 -22.54 -9.78 28.37
C MSE D 57 -24.00 -10.15 28.10
O MSE D 57 -24.29 -11.07 27.33
CB MSE D 57 -22.22 -8.53 27.54
CG MSE D 57 -20.81 -8.04 27.78
SE MSE D 57 -20.55 -7.15 29.49
CE MSE D 57 -21.45 -5.43 29.07
N TRP D 58 -24.90 -9.43 28.74
CA TRP D 58 -26.30 -9.48 28.39
C TRP D 58 -26.41 -8.96 26.94
N SER D 59 -27.42 -9.39 26.18
CA SER D 59 -27.41 -9.09 24.78
C SER D 59 -28.74 -9.25 24.08
N TYR D 60 -28.84 -8.63 22.93
CA TYR D 60 -29.87 -8.98 21.96
C TYR D 60 -29.33 -8.92 20.55
N GLN D 61 -29.92 -9.74 19.69
CA GLN D 61 -29.41 -9.99 18.37
C GLN D 61 -30.17 -9.26 17.27
N LEU D 62 -29.40 -8.84 16.27
CA LEU D 62 -29.94 -8.31 15.01
C LEU D 62 -29.42 -9.23 13.94
N ALA D 63 -30.28 -9.82 13.12
CA ALA D 63 -29.85 -10.66 12.00
C ALA D 63 -30.19 -9.98 10.68
N PHE D 64 -29.26 -9.91 9.73
CA PHE D 64 -29.47 -9.10 8.55
C PHE D 64 -28.56 -9.54 7.42
N THR D 65 -28.86 -9.08 6.21
CA THR D 65 -28.15 -9.46 4.99
C THR D 65 -27.03 -8.51 4.67
N GLN D 66 -26.18 -8.96 3.78
CA GLN D 66 -25.07 -8.14 3.29
C GLN D 66 -25.61 -6.83 2.67
N GLU D 67 -26.80 -6.86 2.09
CA GLU D 67 -27.37 -5.67 1.48
C GLU D 67 -27.90 -4.62 2.46
N GLN D 68 -28.05 -4.99 3.74
CA GLN D 68 -28.47 -4.06 4.78
CA GLN D 68 -28.44 -4.01 4.77
C GLN D 68 -27.25 -3.60 5.61
N PHE D 69 -26.09 -4.25 5.37
CA PHE D 69 -24.90 -4.03 6.20
C PHE D 69 -24.48 -2.57 6.31
N ALA D 70 -24.26 -1.91 5.18
CA ALA D 70 -23.70 -0.56 5.27
C ALA D 70 -24.64 0.39 6.03
N ASP D 71 -25.93 0.35 5.73
CA ASP D 71 -26.89 1.28 6.29
C ASP D 71 -27.01 1.02 7.77
N LEU D 72 -27.13 -0.24 8.12
CA LEU D 72 -27.37 -0.58 9.52
C LEU D 72 -26.12 -0.36 10.36
N VAL D 73 -24.98 -0.85 9.88
CA VAL D 73 -23.75 -0.73 10.65
C VAL D 73 -23.29 0.74 10.72
N GLY D 74 -23.45 1.51 9.66
CA GLY D 74 -23.19 2.92 9.75
C GLY D 74 -24.04 3.59 10.83
N TRP D 75 -25.34 3.28 10.83
CA TRP D 75 -26.28 3.88 11.76
C TRP D 75 -25.96 3.47 13.19
N LEU D 76 -25.65 2.19 13.40
CA LEU D 76 -25.27 1.76 14.75
C LEU D 76 -23.97 2.43 15.21
N THR D 77 -23.05 2.63 14.27
CA THR D 77 -21.80 3.30 14.60
C THR D 77 -22.05 4.72 15.12
N LEU D 78 -22.96 5.44 14.42
CA LEU D 78 -23.28 6.81 14.79
C LEU D 78 -24.12 6.88 16.06
N ASN D 79 -24.89 5.83 16.37
CA ASN D 79 -25.99 5.98 17.32
C ASN D 79 -25.96 5.02 18.51
N HIS D 80 -24.90 4.26 18.69
CA HIS D 80 -24.85 3.25 19.73
C HIS D 80 -24.55 3.77 21.10
N GLY D 81 -24.20 5.05 21.23
CA GLY D 81 -23.82 5.57 22.51
C GLY D 81 -22.65 4.83 23.10
N ALA D 82 -22.79 4.40 24.35
CA ALA D 82 -21.72 3.70 25.04
C ALA D 82 -21.91 2.18 25.04
N LEU D 83 -22.87 1.67 24.27
CA LEU D 83 -23.13 0.22 24.17
C LEU D 83 -22.23 -0.45 23.18
N ASP D 84 -21.43 -1.39 23.64
CA ASP D 84 -20.63 -2.17 22.73
C ASP D 84 -21.50 -3.10 21.90
N ILE D 85 -21.13 -3.27 20.64
CA ILE D 85 -21.84 -4.15 19.71
C ILE D 85 -20.88 -5.14 19.07
N PHE D 86 -21.18 -6.42 19.21
CA PHE D 86 -20.46 -7.53 18.61
C PHE D 86 -21.07 -7.85 17.26
N LEU D 87 -20.27 -7.91 16.18
CA LEU D 87 -20.76 -8.28 14.87
C LEU D 87 -19.91 -9.40 14.34
N HIS D 88 -20.53 -10.30 13.63
CA HIS D 88 -19.74 -11.29 12.90
C HIS D 88 -20.50 -11.77 11.68
N PRO D 89 -19.78 -12.14 10.62
CA PRO D 89 -20.41 -12.73 9.45
C PRO D 89 -20.76 -14.18 9.72
N ASN D 90 -21.66 -14.69 8.92
CA ASN D 90 -22.01 -16.09 8.97
C ASN D 90 -21.52 -16.70 7.68
N THR D 91 -20.52 -17.57 7.78
CA THR D 91 -19.93 -18.21 6.59
C THR D 91 -20.12 -19.73 6.55
N GLY D 92 -20.77 -20.28 7.58
CA GLY D 92 -20.98 -21.73 7.68
C GLY D 92 -20.11 -22.40 8.73
N ASP D 93 -19.28 -21.64 9.44
CA ASP D 93 -18.35 -22.17 10.42
C ASP D 93 -18.43 -21.26 11.67
N ALA D 94 -19.28 -21.63 12.62
CA ALA D 94 -19.59 -20.74 13.74
C ALA D 94 -18.36 -20.39 14.55
N LEU D 95 -17.54 -21.38 14.88
CA LEU D 95 -16.35 -21.13 15.72
C LEU D 95 -15.38 -20.22 14.95
N ARG D 96 -15.12 -20.54 13.69
CA ARG D 96 -14.21 -19.71 12.93
C ARG D 96 -14.71 -18.26 12.85
N ASP D 97 -16.02 -18.13 12.59
CA ASP D 97 -16.60 -16.78 12.45
C ASP D 97 -16.45 -15.95 13.72
N HIS D 98 -16.71 -16.59 14.88
CA HIS D 98 -16.61 -15.86 16.16
C HIS D 98 -15.16 -15.64 16.58
N ARG D 99 -14.32 -16.62 16.38
CA ARG D 99 -12.92 -16.60 16.84
C ARG D 99 -12.11 -15.64 15.94
N ASP D 100 -12.34 -15.70 14.62
CA ASP D 100 -11.43 -15.04 13.67
C ASP D 100 -12.04 -13.85 12.95
N ALA D 101 -13.38 -13.71 12.93
CA ALA D 101 -14.04 -12.69 12.13
C ALA D 101 -14.95 -11.80 13.02
N ALA D 102 -14.59 -11.59 14.29
CA ALA D 102 -15.28 -10.69 15.17
C ALA D 102 -14.98 -9.25 14.77
N VAL D 103 -16.05 -8.46 14.77
CA VAL D 103 -16.00 -7.02 14.63
C VAL D 103 -16.74 -6.37 15.79
N TRP D 104 -16.29 -5.18 16.16
CA TRP D 104 -16.79 -4.55 17.38
C TRP D 104 -17.05 -3.06 17.13
N ILE D 105 -18.23 -2.60 17.49
CA ILE D 105 -18.51 -1.18 17.53
C ILE D 105 -18.31 -0.82 18.98
N GLY D 106 -17.29 -0.01 19.27
CA GLY D 106 -16.96 0.34 20.64
C GLY D 106 -15.76 -0.42 21.14
N HIS D 107 -15.92 -1.32 22.10
CA HIS D 107 -14.85 -2.13 22.68
C HIS D 107 -15.07 -3.61 22.43
N SER D 108 -13.98 -4.33 22.19
CA SER D 108 -14.07 -5.74 22.09
C SER D 108 -14.16 -6.40 23.48
N HIS D 109 -14.75 -7.58 23.46
CA HIS D 109 -14.91 -8.44 24.65
C HIS D 109 -14.39 -9.82 24.35
N GLU D 110 -13.82 -10.49 25.35
CA GLU D 110 -13.44 -11.90 25.19
C GLU D 110 -14.70 -12.76 25.19
N LEU D 111 -14.95 -13.41 24.05
CA LEU D 111 -16.11 -14.23 23.88
C LEU D 111 -15.94 -15.55 24.59
N VAL D 112 -17.06 -16.17 24.96
CA VAL D 112 -17.05 -17.52 25.49
C VAL D 112 -16.99 -18.51 24.32
N LEU D 113 -15.83 -18.53 23.68
CA LEU D 113 -15.65 -19.34 22.47
C LEU D 113 -15.81 -20.83 22.80
N SER D 114 -15.50 -21.21 24.02
CA SER D 114 -15.61 -22.59 24.43
C SER D 114 -17.06 -23.10 24.38
N ALA D 115 -18.04 -22.20 24.36
CA ALA D 115 -19.47 -22.59 24.24
C ALA D 115 -19.86 -23.03 22.84
N LEU D 116 -19.01 -22.81 21.84
CA LEU D 116 -19.31 -23.07 20.43
C LEU D 116 -18.79 -24.44 20.01
N ASN D 117 -19.36 -24.99 18.93
CA ASN D 117 -18.89 -26.22 18.30
C ASN D 117 -18.67 -27.30 19.35
CL CL E . 9.08 3.41 -18.27
P PO4 F . 7.39 -14.88 -5.58
O1 PO4 F . 7.95 -15.23 -4.21
O2 PO4 F . 5.91 -14.51 -5.53
O3 PO4 F . 8.11 -13.79 -6.39
O4 PO4 F . 7.51 -16.17 -6.31
C1 EDO G . 26.68 -8.50 -6.43
O1 EDO G . 26.78 -9.90 -6.09
C2 EDO G . 27.18 -8.33 -7.86
O2 EDO G . 26.27 -8.89 -8.84
C1 EDO H . 8.00 -3.97 4.17
O1 EDO H . 8.74 -5.18 4.31
C2 EDO H . 8.61 -3.18 3.05
O2 EDO H . 9.70 -2.48 3.63
CL CL I . 27.23 27.36 -24.68
CL CL J . 4.30 8.22 -18.19
P PO4 K . 26.86 13.36 -17.92
O1 PO4 K . 25.85 13.22 -16.71
O2 PO4 K . 26.54 14.51 -18.90
O3 PO4 K . 28.26 13.47 -17.35
O4 PO4 K . 26.90 12.20 -18.84
P PO4 L . -0.52 9.00 5.84
O1 PO4 L . -1.11 7.99 6.80
O2 PO4 L . 0.14 8.60 4.53
O3 PO4 L . -1.31 10.30 5.74
O4 PO4 L . 0.78 9.22 6.52
C1 CIT M . -4.32 11.95 12.41
O1 CIT M . -3.08 12.05 12.30
O2 CIT M . -4.83 12.14 13.52
C2 CIT M . -5.15 11.63 11.19
C3 CIT M . -6.28 10.65 11.44
O7 CIT M . -7.31 11.26 12.26
C4 CIT M . -6.84 10.26 10.08
C5 CIT M . -8.19 9.60 10.22
O3 CIT M . -9.24 10.26 10.06
O4 CIT M . -8.28 8.40 10.58
C6 CIT M . -5.85 9.35 12.07
O5 CIT M . -6.57 8.87 13.00
O6 CIT M . -4.79 8.77 11.67
C1 EDO N . -12.40 6.56 -2.26
O1 EDO N . -12.66 5.27 -2.76
C2 EDO N . -11.82 7.30 -3.42
O2 EDO N . -10.54 6.71 -3.63
C1 EDO O . -3.52 -11.68 6.86
O1 EDO O . -3.07 -10.71 7.84
C2 EDO O . -3.44 -11.10 5.46
O2 EDO O . -2.08 -10.94 5.01
CL CL P . -37.84 -19.14 24.85
P PO4 Q . -24.40 -15.86 17.69
O1 PO4 Q . -25.53 -15.81 18.72
O2 PO4 Q . -24.54 -14.79 16.54
O3 PO4 Q . -23.18 -15.66 18.50
O4 PO4 Q . -24.32 -17.28 17.12
C1 EDO R . -24.42 -21.13 30.10
O1 EDO R . -25.19 -21.65 29.03
C2 EDO R . -24.52 -19.60 30.07
O2 EDO R . -24.19 -19.17 28.76
#